data_8JSZ
#
_entry.id   8JSZ
#
_cell.length_a   47.661
_cell.length_b   50.792
_cell.length_c   71.391
_cell.angle_alpha   71.21
_cell.angle_beta   83.96
_cell.angle_gamma   62.07
#
_symmetry.space_group_name_H-M   'P 1'
#
loop_
_entity.id
_entity.type
_entity.pdbx_description
1 polymer 'uridylate cyclase'
2 non-polymer 'ZINC ION'
3 non-polymer 'CHLORIDE ION'
4 non-polymer 'ACETATE ION'
5 non-polymer GLYCEROL
6 water water
#
_entity_poly.entity_id   1
_entity_poly.type   'polypeptide(L)'
_entity_poly.pdbx_seq_one_letter_code
;GMKPNQFLNSSFSIINEQIEIYERGVTTQKVNQIPKTDDIRIQSSDKPWHWLEIPDLICVFVDMKGSTQLSVTRQDRTMA
SAYQLFTNTAIQIFHDFDTPYIDIKGDGVFALFNSNQIYRALAATVTFKTFVKEVFTPKIKQKTKGIIVGGHYGIDQKTV
LVRKIGLKVNQNRQDPYRYNEVWAGKPINMAAKLASLANIDELLVSDRYFNNLKSDFVLKSCGCTNGIPQENFSELWLPK
NVTEENKFDFNKAYSLTSAWCPIHGRFYCQNILNLDNAKS
;
_entity_poly.pdbx_strand_id   A,B
#
# COMPACT_ATOMS: atom_id res chain seq x y z
N GLY A 1 -2.95 -17.78 23.80
CA GLY A 1 -2.14 -18.96 23.99
C GLY A 1 -0.66 -18.71 23.85
N MET A 2 -0.26 -17.46 24.09
CA MET A 2 1.16 -17.10 24.04
C MET A 2 1.86 -17.60 25.31
N LYS A 3 3.06 -18.16 25.13
CA LYS A 3 3.87 -18.66 26.22
C LYS A 3 5.22 -17.93 26.29
N PRO A 4 5.74 -17.69 27.49
CA PRO A 4 6.98 -16.90 27.61
C PRO A 4 8.15 -17.44 26.80
N ASN A 5 8.33 -18.76 26.74
CA ASN A 5 9.46 -19.32 26.01
C ASN A 5 9.24 -19.35 24.50
N GLN A 6 8.10 -18.86 24.02
CA GLN A 6 7.82 -18.79 22.59
C GLN A 6 8.29 -17.48 21.97
N PHE A 7 8.54 -16.45 22.79
CA PHE A 7 8.85 -15.11 22.33
C PHE A 7 10.06 -14.56 23.08
N LEU A 8 10.72 -13.58 22.45
CA LEU A 8 11.66 -12.75 23.19
C LEU A 8 10.92 -12.07 24.35
N ASN A 9 11.65 -11.80 25.44
CA ASN A 9 11.04 -11.11 26.58
C ASN A 9 10.41 -9.79 26.17
N SER A 10 11.14 -8.98 25.39
CA SER A 10 10.64 -7.67 24.98
C SER A 10 9.38 -7.80 24.14
N SER A 11 9.38 -8.75 23.20
CA SER A 11 8.20 -8.98 22.38
C SER A 11 7.00 -9.41 23.23
N PHE A 12 7.24 -10.30 24.19
CA PHE A 12 6.20 -10.75 25.11
C PHE A 12 5.57 -9.57 25.85
N SER A 13 6.41 -8.70 26.42
CA SER A 13 5.89 -7.56 27.17
C SER A 13 5.10 -6.63 26.25
N ILE A 14 5.58 -6.44 25.02
CA ILE A 14 4.88 -5.56 24.09
C ILE A 14 3.52 -6.14 23.73
N ILE A 15 3.46 -7.45 23.49
CA ILE A 15 2.19 -8.08 23.14
C ILE A 15 1.19 -7.93 24.29
N ASN A 16 1.65 -8.11 25.53
CA ASN A 16 0.72 -7.95 26.66
C ASN A 16 0.25 -6.50 26.79
N GLU A 17 1.13 -5.53 26.50
CA GLU A 17 0.68 -4.13 26.49
C GLU A 17 -0.41 -3.89 25.44
N GLN A 18 -0.25 -4.47 24.25
CA GLN A 18 -1.24 -4.29 23.20
C GLN A 18 -2.56 -5.01 23.53
N ILE A 19 -2.48 -6.15 24.21
CA ILE A 19 -3.68 -6.83 24.68
C ILE A 19 -4.44 -5.92 25.64
N GLU A 20 -3.74 -5.26 26.56
CA GLU A 20 -4.42 -4.36 27.50
C GLU A 20 -5.10 -3.21 26.77
N ILE A 21 -4.37 -2.58 25.84
CA ILE A 21 -4.97 -1.50 25.05
C ILE A 21 -6.23 -2.00 24.33
N TYR A 22 -6.14 -3.18 23.72
CA TYR A 22 -7.28 -3.76 23.02
C TYR A 22 -8.46 -3.99 23.97
N GLU A 23 -8.18 -4.42 25.20
CA GLU A 23 -9.24 -4.65 26.16
C GLU A 23 -9.88 -3.37 26.66
N ARG A 24 -9.27 -2.21 26.41
CA ARG A 24 -9.97 -0.97 26.77
C ARG A 24 -11.18 -0.67 25.89
N GLY A 25 -11.32 -1.33 24.75
CA GLY A 25 -12.36 -0.96 23.81
C GLY A 25 -12.00 0.33 23.09
N VAL A 26 -12.99 0.84 22.35
CA VAL A 26 -12.82 2.05 21.55
C VAL A 26 -13.99 3.00 21.79
N THR A 27 -13.79 4.25 21.40
CA THR A 27 -14.86 5.23 21.27
C THR A 27 -14.77 5.84 19.89
N THR A 28 -15.91 6.31 19.37
CA THR A 28 -15.92 6.93 18.06
C THR A 28 -16.77 8.19 18.11
N GLN A 29 -16.54 9.09 17.15
CA GLN A 29 -17.41 10.24 17.00
C GLN A 29 -17.50 10.57 15.52
N LYS A 30 -18.70 10.95 15.08
CA LYS A 30 -18.94 11.18 13.67
C LYS A 30 -18.47 12.56 13.26
N VAL A 31 -17.79 12.63 12.12
CA VAL A 31 -17.40 13.88 11.48
C VAL A 31 -17.71 13.73 9.99
N ASN A 32 -18.41 14.72 9.43
CA ASN A 32 -18.99 14.49 8.11
C ASN A 32 -17.95 14.54 6.99
N GLN A 33 -16.88 15.31 7.16
CA GLN A 33 -15.86 15.45 6.14
C GLN A 33 -14.49 15.17 6.73
N ILE A 34 -13.54 14.85 5.86
CA ILE A 34 -12.16 14.58 6.27
C ILE A 34 -11.67 15.81 7.04
N PRO A 35 -11.32 15.68 8.30
CA PRO A 35 -10.93 16.85 9.08
C PRO A 35 -9.51 17.30 8.76
N LYS A 36 -9.24 18.56 9.08
CA LYS A 36 -7.87 19.04 9.03
C LYS A 36 -7.00 18.22 9.96
N THR A 37 -5.75 18.01 9.55
CA THR A 37 -4.86 17.10 10.27
C THR A 37 -4.69 17.53 11.73
N ASP A 38 -4.66 18.83 12.01
CA ASP A 38 -4.48 19.27 13.39
C ASP A 38 -5.76 19.16 14.21
N ASP A 39 -6.90 18.96 13.57
CA ASP A 39 -8.13 18.67 14.29
C ASP A 39 -8.22 17.22 14.73
N ILE A 40 -7.27 16.38 14.31
CA ILE A 40 -7.20 15.01 14.77
C ILE A 40 -6.27 14.98 15.98
N ARG A 41 -6.82 14.74 17.16
CA ARG A 41 -6.07 14.89 18.39
C ARG A 41 -5.16 13.69 18.64
N ILE A 42 -4.01 13.97 19.24
CA ILE A 42 -3.15 12.93 19.80
C ILE A 42 -3.66 12.62 21.20
N GLN A 43 -3.94 11.35 21.46
CA GLN A 43 -4.51 10.98 22.73
C GLN A 43 -3.44 10.76 23.78
N SER A 44 -3.85 10.90 25.04
CA SER A 44 -3.04 10.38 26.13
C SER A 44 -2.95 8.87 25.99
N SER A 45 -1.80 8.30 26.37
CA SER A 45 -1.54 6.89 26.08
C SER A 45 -2.36 5.94 26.93
N ASP A 46 -3.06 6.42 27.96
CA ASP A 46 -3.83 5.54 28.83
C ASP A 46 -5.29 5.40 28.40
N LYS A 47 -5.72 6.16 27.43
CA LYS A 47 -7.12 6.18 27.08
C LYS A 47 -7.46 5.09 26.08
N PRO A 48 -8.70 4.60 26.08
CA PRO A 48 -9.15 3.75 24.98
C PRO A 48 -9.02 4.52 23.68
N TRP A 49 -8.61 3.80 22.62
CA TRP A 49 -8.39 4.46 21.34
C TRP A 49 -9.67 5.13 20.85
N HIS A 50 -9.55 6.41 20.48
CA HIS A 50 -10.65 7.20 19.95
C HIS A 50 -10.47 7.37 18.45
N TRP A 51 -11.55 7.18 17.70
CA TRP A 51 -11.50 7.31 16.25
C TRP A 51 -12.55 8.31 15.78
N LEU A 52 -12.25 9.02 14.70
CA LEU A 52 -13.24 9.85 14.03
C LEU A 52 -13.83 9.06 12.87
N GLU A 53 -15.16 9.04 12.78
CA GLU A 53 -15.90 8.25 11.80
C GLU A 53 -16.36 9.17 10.66
N ILE A 54 -15.79 8.95 9.47
CA ILE A 54 -16.09 9.75 8.29
C ILE A 54 -17.00 8.92 7.38
N PRO A 55 -18.24 9.31 7.17
CA PRO A 55 -19.17 8.46 6.40
C PRO A 55 -18.88 8.51 4.92
N ASP A 56 -18.98 7.34 4.29
CA ASP A 56 -19.01 7.23 2.83
C ASP A 56 -17.83 7.93 2.18
N LEU A 57 -16.65 7.73 2.76
CA LEU A 57 -15.43 8.31 2.22
C LEU A 57 -15.03 7.60 0.94
N ILE A 58 -14.51 8.35 -0.04
CA ILE A 58 -14.11 7.80 -1.33
C ILE A 58 -12.60 7.64 -1.32
N CYS A 59 -12.13 6.46 -1.72
CA CYS A 59 -10.69 6.24 -1.89
C CYS A 59 -10.42 5.83 -3.33
N VAL A 60 -9.54 6.60 -3.98
CA VAL A 60 -8.97 6.27 -5.28
C VAL A 60 -7.56 5.76 -5.06
N PHE A 61 -7.21 4.66 -5.72
CA PHE A 61 -5.85 4.16 -5.71
C PHE A 61 -5.38 3.96 -7.14
N VAL A 62 -4.24 4.54 -7.49
CA VAL A 62 -3.66 4.40 -8.82
C VAL A 62 -2.28 3.76 -8.66
N ASP A 63 -1.96 2.83 -9.56
CA ASP A 63 -0.73 2.06 -9.40
C ASP A 63 -0.10 1.80 -10.76
N MET A 64 1.23 1.82 -10.79
CA MET A 64 1.93 1.49 -12.04
C MET A 64 1.78 0.01 -12.36
N LYS A 65 1.59 -0.29 -13.64
CA LYS A 65 1.28 -1.63 -14.11
C LYS A 65 2.23 -2.01 -15.24
N GLY A 66 2.88 -3.17 -15.12
CA GLY A 66 3.73 -3.67 -16.18
C GLY A 66 5.15 -3.17 -16.14
N SER A 67 5.67 -2.84 -14.96
CA SER A 67 6.95 -2.18 -14.82
C SER A 67 8.08 -3.11 -14.41
N THR A 68 7.85 -4.44 -14.45
CA THR A 68 8.85 -5.34 -13.88
C THR A 68 10.20 -5.30 -14.59
N GLN A 69 10.24 -4.88 -15.86
CA GLN A 69 11.52 -4.79 -16.54
C GLN A 69 12.20 -3.43 -16.37
N LEU A 70 11.50 -2.44 -15.83
CA LEU A 70 12.15 -1.16 -15.55
C LEU A 70 13.14 -1.32 -14.39
N SER A 71 14.24 -0.60 -14.46
CA SER A 71 15.34 -0.83 -13.53
C SER A 71 15.74 0.46 -12.83
N VAL A 72 16.16 0.32 -11.56
CA VAL A 72 16.78 1.42 -10.83
C VAL A 72 18.30 1.31 -10.78
N THR A 73 18.89 0.22 -11.28
CA THR A 73 20.33 0.04 -11.21
C THR A 73 21.04 0.10 -12.55
N ARG A 74 20.37 -0.25 -13.65
CA ARG A 74 21.05 -0.18 -14.94
C ARG A 74 21.26 1.26 -15.39
N GLN A 75 22.11 1.42 -16.41
CA GLN A 75 22.61 2.74 -16.79
C GLN A 75 21.50 3.75 -17.04
N ASP A 76 20.41 3.33 -17.70
CA ASP A 76 19.36 4.28 -18.03
C ASP A 76 18.49 4.67 -16.84
N ARG A 77 18.52 3.88 -15.76
CA ARG A 77 17.75 4.18 -14.53
C ARG A 77 16.29 4.46 -14.84
N THR A 78 15.72 3.70 -15.78
CA THR A 78 14.42 4.08 -16.31
C THR A 78 13.32 4.02 -15.27
N MET A 79 13.43 3.13 -14.26
CA MET A 79 12.40 3.11 -13.24
C MET A 79 12.38 4.41 -12.43
N ALA A 80 13.53 5.06 -12.24
CA ALA A 80 13.53 6.34 -11.52
C ALA A 80 12.74 7.39 -12.30
N SER A 81 13.04 7.54 -13.59
CA SER A 81 12.31 8.48 -14.44
C SER A 81 10.84 8.13 -14.52
N ALA A 82 10.52 6.84 -14.65
CA ALA A 82 9.13 6.42 -14.73
C ALA A 82 8.39 6.71 -13.42
N TYR A 83 9.06 6.48 -12.28
CA TYR A 83 8.45 6.79 -10.99
C TYR A 83 8.06 8.25 -10.93
N GLN A 84 8.99 9.14 -11.28
CA GLN A 84 8.62 10.56 -11.27
C GLN A 84 7.45 10.85 -12.20
N LEU A 85 7.56 10.43 -13.47
CA LEU A 85 6.53 10.77 -14.45
C LEU A 85 5.16 10.22 -14.06
N PHE A 86 5.11 9.07 -13.38
CA PHE A 86 3.84 8.49 -12.96
C PHE A 86 3.37 9.09 -11.64
N THR A 87 4.14 8.86 -10.58
CA THR A 87 3.71 9.22 -9.23
C THR A 87 3.66 10.72 -9.01
N ASN A 88 4.69 11.46 -9.44
CA ASN A 88 4.63 12.89 -9.19
C ASN A 88 3.49 13.54 -9.95
N THR A 89 3.26 13.10 -11.18
CA THR A 89 2.10 13.60 -11.93
C THR A 89 0.79 13.24 -11.24
N ALA A 90 0.68 12.02 -10.73
CA ALA A 90 -0.51 11.66 -9.96
C ALA A 90 -0.73 12.64 -8.82
N ILE A 91 0.32 12.88 -8.03
CA ILE A 91 0.21 13.77 -6.89
C ILE A 91 -0.23 15.16 -7.32
N GLN A 92 0.44 15.72 -8.34
CA GLN A 92 0.13 17.08 -8.77
C GLN A 92 -1.29 17.17 -9.34
N ILE A 93 -1.73 16.14 -10.05
CA ILE A 93 -3.08 16.17 -10.60
C ILE A 93 -4.11 16.10 -9.48
N PHE A 94 -3.90 15.21 -8.51
CA PHE A 94 -4.84 15.12 -7.40
C PHE A 94 -4.85 16.40 -6.58
N HIS A 95 -3.69 17.02 -6.39
CA HIS A 95 -3.67 18.31 -5.70
C HIS A 95 -4.43 19.37 -6.48
N ASP A 96 -4.25 19.38 -7.81
CA ASP A 96 -4.99 20.35 -8.62
C ASP A 96 -6.49 20.16 -8.52
N PHE A 97 -6.95 18.92 -8.31
CA PHE A 97 -8.36 18.66 -8.07
C PHE A 97 -8.76 18.84 -6.61
N ASP A 98 -7.90 19.47 -5.80
CA ASP A 98 -8.24 19.85 -4.42
C ASP A 98 -8.57 18.62 -3.57
N THR A 99 -7.86 17.53 -3.83
CA THR A 99 -8.06 16.31 -3.06
C THR A 99 -7.80 16.56 -1.57
N PRO A 100 -8.71 16.18 -0.69
CA PRO A 100 -8.49 16.44 0.75
C PRO A 100 -7.27 15.75 1.33
N TYR A 101 -6.91 14.55 0.86
CA TYR A 101 -5.81 13.81 1.46
C TYR A 101 -5.16 12.93 0.41
N ILE A 102 -3.83 13.01 0.32
CA ILE A 102 -3.06 12.24 -0.66
C ILE A 102 -1.96 11.48 0.08
N ASP A 103 -1.70 10.25 -0.34
CA ASP A 103 -0.59 9.51 0.24
C ASP A 103 0.01 8.56 -0.78
N ILE A 104 1.28 8.24 -0.60
CA ILE A 104 2.07 7.47 -1.55
C ILE A 104 2.37 6.10 -0.94
N LYS A 105 2.12 5.03 -1.70
CA LYS A 105 2.40 3.67 -1.23
C LYS A 105 3.02 2.85 -2.37
N GLY A 106 4.27 2.45 -2.20
CA GLY A 106 4.97 1.73 -3.26
C GLY A 106 4.92 2.48 -4.58
N ASP A 107 4.50 1.77 -5.64
CA ASP A 107 4.41 2.33 -6.98
C ASP A 107 3.09 3.04 -7.22
N GLY A 108 2.34 3.35 -6.15
CA GLY A 108 1.00 3.88 -6.30
C GLY A 108 0.76 5.09 -5.40
N VAL A 109 -0.40 5.69 -5.62
CA VAL A 109 -0.84 6.89 -4.92
C VAL A 109 -2.30 6.69 -4.58
N PHE A 110 -2.68 7.00 -3.36
CA PHE A 110 -4.11 7.03 -3.10
C PHE A 110 -4.54 8.45 -2.69
N ALA A 111 -5.78 8.74 -3.07
CA ALA A 111 -6.42 10.03 -2.90
C ALA A 111 -7.76 9.81 -2.22
N LEU A 112 -8.01 10.51 -1.13
CA LEU A 112 -9.24 10.38 -0.38
C LEU A 112 -10.11 11.61 -0.63
N PHE A 113 -11.40 11.37 -0.86
CA PHE A 113 -12.37 12.41 -1.12
C PHE A 113 -13.53 12.28 -0.15
N ASN A 114 -14.21 13.41 0.06
CA ASN A 114 -15.41 13.45 0.88
C ASN A 114 -16.60 12.84 0.13
N SER A 115 -17.64 12.49 0.90
CA SER A 115 -18.80 11.81 0.33
C SER A 115 -19.55 12.66 -0.69
N ASN A 116 -19.37 13.98 -0.65
CA ASN A 116 -20.00 14.87 -1.63
C ASN A 116 -19.06 15.22 -2.79
N GLN A 117 -18.02 14.40 -3.01
CA GLN A 117 -17.07 14.61 -4.09
C GLN A 117 -17.01 13.39 -5.00
N ILE A 118 -18.15 12.72 -5.17
CA ILE A 118 -18.23 11.54 -6.04
C ILE A 118 -17.69 11.84 -7.43
N TYR A 119 -18.21 12.89 -8.04
CA TYR A 119 -17.86 13.17 -9.42
C TYR A 119 -16.48 13.78 -9.54
N ARG A 120 -16.07 14.57 -8.55
CA ARG A 120 -14.71 15.09 -8.54
C ARG A 120 -13.70 13.96 -8.45
N ALA A 121 -13.96 12.97 -7.60
CA ALA A 121 -13.04 11.83 -7.51
C ALA A 121 -12.93 11.13 -8.86
N LEU A 122 -14.07 10.90 -9.53
CA LEU A 122 -14.01 10.24 -10.82
C LEU A 122 -13.26 11.08 -11.85
N ALA A 123 -13.52 12.39 -11.88
CA ALA A 123 -12.88 13.26 -12.86
C ALA A 123 -11.37 13.31 -12.66
N ALA A 124 -10.93 13.35 -11.40
CA ALA A 124 -9.48 13.32 -11.13
C ALA A 124 -8.87 12.00 -11.58
N THR A 125 -9.56 10.89 -11.29
CA THR A 125 -9.05 9.57 -11.67
C THR A 125 -8.94 9.43 -13.19
N VAL A 126 -9.98 9.85 -13.91
CA VAL A 126 -9.96 9.74 -15.35
C VAL A 126 -8.93 10.68 -15.95
N THR A 127 -8.70 11.85 -15.33
CA THR A 127 -7.63 12.72 -15.82
C THR A 127 -6.28 12.02 -15.72
N PHE A 128 -5.99 11.42 -14.56
CA PHE A 128 -4.72 10.69 -14.45
C PHE A 128 -4.66 9.51 -15.41
N LYS A 129 -5.76 8.77 -15.56
CA LYS A 129 -5.78 7.62 -16.46
C LYS A 129 -5.49 8.04 -17.90
N THR A 130 -6.08 9.15 -18.33
CA THR A 130 -5.84 9.66 -19.68
C THR A 130 -4.39 10.11 -19.83
N PHE A 131 -3.84 10.79 -18.82
CA PHE A 131 -2.43 11.16 -18.87
C PHE A 131 -1.55 9.93 -19.06
N VAL A 132 -1.79 8.89 -18.28
CA VAL A 132 -0.96 7.69 -18.37
C VAL A 132 -1.05 7.10 -19.78
N LYS A 133 -2.28 7.00 -20.31
CA LYS A 133 -2.46 6.39 -21.63
C LYS A 133 -1.81 7.22 -22.75
N GLU A 134 -1.99 8.53 -22.71
CA GLU A 134 -1.58 9.39 -23.82
C GLU A 134 -0.14 9.87 -23.72
N VAL A 135 0.45 9.89 -22.51
CA VAL A 135 1.75 10.52 -22.31
C VAL A 135 2.75 9.54 -21.71
N PHE A 136 2.42 8.97 -20.56
CA PHE A 136 3.36 8.11 -19.85
C PHE A 136 3.73 6.88 -20.66
N THR A 137 2.72 6.12 -21.10
CA THR A 137 3.01 4.88 -21.82
C THR A 137 3.81 5.12 -23.09
N PRO A 138 3.44 6.06 -23.98
CA PRO A 138 4.29 6.30 -25.16
C PRO A 138 5.72 6.68 -24.82
N LYS A 139 5.92 7.55 -23.83
CA LYS A 139 7.27 8.03 -23.54
C LYS A 139 8.14 6.93 -22.94
N ILE A 140 7.58 6.13 -22.04
CA ILE A 140 8.36 5.01 -21.49
C ILE A 140 8.63 3.98 -22.56
N LYS A 141 7.67 3.74 -23.46
CA LYS A 141 7.92 2.84 -24.58
C LYS A 141 9.05 3.35 -25.46
N GLN A 142 9.08 4.66 -25.73
CA GLN A 142 10.17 5.24 -26.49
C GLN A 142 11.51 5.03 -25.78
N LYS A 143 11.55 5.31 -24.47
CA LYS A 143 12.80 5.22 -23.74
C LYS A 143 13.31 3.78 -23.69
N THR A 144 12.41 2.81 -23.51
CA THR A 144 12.81 1.42 -23.34
C THR A 144 12.94 0.67 -24.66
N LYS A 145 12.62 1.33 -25.77
CA LYS A 145 12.60 0.70 -27.10
C LYS A 145 11.63 -0.48 -27.15
N GLY A 146 10.45 -0.31 -26.55
CA GLY A 146 9.40 -1.27 -26.77
C GLY A 146 8.56 -1.70 -25.59
N ILE A 147 9.00 -1.46 -24.36
CA ILE A 147 8.27 -1.98 -23.19
C ILE A 147 7.03 -1.13 -22.97
N ILE A 148 5.90 -1.79 -22.75
CA ILE A 148 4.61 -1.14 -22.54
C ILE A 148 4.32 -1.15 -21.05
N VAL A 149 4.41 0.03 -20.42
CA VAL A 149 4.11 0.22 -19.01
C VAL A 149 2.96 1.23 -18.92
N GLY A 150 2.04 1.00 -18.00
CA GLY A 150 0.89 1.87 -17.84
C GLY A 150 0.44 1.94 -16.41
N GLY A 151 -0.87 2.04 -16.21
CA GLY A 151 -1.42 2.11 -14.87
C GLY A 151 -2.69 1.28 -14.76
N HIS A 152 -3.08 1.03 -13.51
CA HIS A 152 -4.40 0.48 -13.24
C HIS A 152 -4.90 1.08 -11.93
N TYR A 153 -6.23 1.10 -11.79
CA TYR A 153 -6.88 2.04 -10.90
C TYR A 153 -8.08 1.39 -10.23
N GLY A 154 -8.31 1.78 -8.98
CA GLY A 154 -9.48 1.33 -8.25
C GLY A 154 -10.11 2.45 -7.44
N ILE A 155 -11.44 2.35 -7.27
CA ILE A 155 -12.15 3.30 -6.42
C ILE A 155 -13.13 2.51 -5.56
N ASP A 156 -13.17 2.83 -4.27
CA ASP A 156 -14.23 2.33 -3.40
C ASP A 156 -14.75 3.49 -2.56
N GLN A 157 -15.93 3.29 -1.98
CA GLN A 157 -16.55 4.31 -1.13
C GLN A 157 -17.23 3.64 0.04
N LYS A 158 -16.82 4.01 1.25
CA LYS A 158 -17.37 3.45 2.46
C LYS A 158 -16.93 4.28 3.66
N THR A 159 -17.70 4.21 4.73
CA THR A 159 -17.31 4.84 5.98
C THR A 159 -15.94 4.36 6.43
N VAL A 160 -15.12 5.29 6.93
CA VAL A 160 -13.81 4.96 7.48
C VAL A 160 -13.65 5.60 8.84
N LEU A 161 -12.67 5.10 9.58
CA LEU A 161 -12.26 5.68 10.84
C LEU A 161 -10.85 6.23 10.67
N VAL A 162 -10.56 7.34 11.33
CA VAL A 162 -9.24 7.94 11.26
C VAL A 162 -8.80 8.32 12.67
N ARG A 163 -7.50 8.15 12.93
CA ARG A 163 -6.89 8.76 14.09
C ARG A 163 -5.43 9.00 13.75
N LYS A 164 -4.65 9.47 14.72
CA LYS A 164 -3.23 9.70 14.51
C LYS A 164 -2.39 8.70 15.30
N ILE A 165 -1.34 8.20 14.66
CA ILE A 165 -0.37 7.31 15.31
C ILE A 165 1.00 7.95 15.17
N GLY A 166 1.79 7.93 16.24
CA GLY A 166 3.14 8.44 16.22
C GLY A 166 4.13 7.32 16.01
N LEU A 167 5.02 7.52 15.04
CA LEU A 167 6.09 6.57 14.77
C LEU A 167 7.45 7.16 15.14
N ARG A 178 6.88 11.66 12.71
CA ARG A 178 5.95 12.32 13.63
C ARG A 178 4.73 11.44 13.82
N TYR A 179 3.56 12.07 13.88
CA TYR A 179 2.27 11.42 13.84
C TYR A 179 1.72 11.46 12.41
N ASN A 180 1.09 10.38 11.98
CA ASN A 180 0.41 10.35 10.71
C ASN A 180 -1.01 9.85 10.92
N GLU A 181 -1.91 10.31 10.05
CA GLU A 181 -3.24 9.74 10.00
C GLU A 181 -3.15 8.26 9.68
N VAL A 182 -3.95 7.46 10.37
CA VAL A 182 -4.14 6.06 10.05
C VAL A 182 -5.64 5.84 9.87
N TRP A 183 -5.96 4.96 8.93
CA TRP A 183 -7.31 4.79 8.41
C TRP A 183 -7.72 3.33 8.58
N ALA A 184 -8.85 3.11 9.25
CA ALA A 184 -9.38 1.78 9.47
C ALA A 184 -10.73 1.65 8.77
N GLY A 185 -10.97 0.51 8.16
CA GLY A 185 -12.20 0.31 7.44
C GLY A 185 -11.91 -0.32 6.09
N LYS A 186 -12.89 -0.23 5.19
CA LYS A 186 -12.83 -0.98 3.94
C LYS A 186 -12.20 -0.25 2.75
N PRO A 187 -12.50 1.03 2.49
CA PRO A 187 -12.29 1.54 1.13
C PRO A 187 -10.85 1.73 0.69
N ILE A 188 -9.90 2.00 1.59
CA ILE A 188 -8.50 2.12 1.14
C ILE A 188 -7.96 0.75 0.74
N ASN A 189 -8.16 -0.24 1.62
CA ASN A 189 -7.81 -1.62 1.32
C ASN A 189 -8.52 -2.10 0.04
N MET A 190 -9.81 -1.82 -0.09
CA MET A 190 -10.57 -2.35 -1.22
C MET A 190 -10.22 -1.63 -2.52
N ALA A 191 -9.97 -0.32 -2.45
CA ALA A 191 -9.56 0.39 -3.66
C ALA A 191 -8.22 -0.12 -4.15
N ALA A 192 -7.29 -0.41 -3.22
CA ALA A 192 -6.01 -0.97 -3.65
C ALA A 192 -6.17 -2.37 -4.24
N LYS A 193 -7.04 -3.20 -3.64
CA LYS A 193 -7.28 -4.54 -4.19
C LYS A 193 -7.92 -4.47 -5.58
N LEU A 194 -8.86 -3.53 -5.76
CA LEU A 194 -9.47 -3.32 -7.07
C LEU A 194 -8.43 -2.89 -8.11
N ALA A 195 -7.54 -1.97 -7.73
CA ALA A 195 -6.49 -1.57 -8.66
C ALA A 195 -5.61 -2.75 -9.04
N SER A 196 -5.22 -3.56 -8.06
CA SER A 196 -4.40 -4.74 -8.36
C SER A 196 -5.12 -5.70 -9.29
N LEU A 197 -6.45 -5.80 -9.18
CA LEU A 197 -7.21 -6.69 -10.05
C LEU A 197 -7.35 -6.13 -11.46
N ALA A 198 -7.24 -4.81 -11.62
CA ALA A 198 -7.51 -4.19 -12.90
C ALA A 198 -6.41 -4.48 -13.91
N ASN A 199 -6.81 -4.62 -15.18
CA ASN A 199 -5.87 -4.71 -16.28
C ASN A 199 -5.20 -3.35 -16.53
N ILE A 200 -4.18 -3.35 -17.41
CA ILE A 200 -3.56 -2.09 -17.79
C ILE A 200 -4.61 -1.20 -18.44
N ASP A 201 -4.55 0.10 -18.12
CA ASP A 201 -5.49 1.12 -18.62
C ASP A 201 -6.94 0.75 -18.30
N GLU A 202 -7.16 0.16 -17.12
CA GLU A 202 -8.50 -0.17 -16.67
C GLU A 202 -8.73 0.39 -15.27
N LEU A 203 -9.88 1.02 -15.07
CA LEU A 203 -10.35 1.43 -13.75
C LEU A 203 -11.45 0.48 -13.31
N LEU A 204 -11.31 -0.08 -12.12
CA LEU A 204 -12.36 -0.87 -11.49
C LEU A 204 -12.89 -0.11 -10.29
N VAL A 205 -14.21 -0.01 -10.17
CA VAL A 205 -14.83 0.62 -9.01
C VAL A 205 -15.80 -0.36 -8.36
N SER A 206 -16.01 -0.21 -7.05
CA SER A 206 -16.97 -1.07 -6.37
C SER A 206 -18.39 -0.76 -6.84
N ASP A 207 -19.30 -1.73 -6.63
CA ASP A 207 -20.70 -1.49 -7.00
C ASP A 207 -21.30 -0.36 -6.18
N ARG A 208 -20.93 -0.24 -4.89
CA ARG A 208 -21.51 0.81 -4.07
C ARG A 208 -21.06 2.20 -4.51
N TYR A 209 -19.83 2.35 -5.04
CA TYR A 209 -19.44 3.61 -5.64
C TYR A 209 -20.13 3.83 -6.98
N PHE A 210 -20.15 2.80 -7.83
CA PHE A 210 -20.79 2.92 -9.15
C PHE A 210 -22.25 3.33 -9.01
N ASN A 211 -22.95 2.82 -8.00
CA ASN A 211 -24.36 3.13 -7.80
C ASN A 211 -24.60 4.60 -7.47
N ASN A 212 -23.56 5.36 -7.15
CA ASN A 212 -23.70 6.80 -6.94
C ASN A 212 -23.45 7.61 -8.21
N LEU A 213 -23.09 6.96 -9.31
CA LEU A 213 -22.86 7.66 -10.58
C LEU A 213 -24.17 7.66 -11.35
N LYS A 214 -24.75 8.85 -11.56
CA LYS A 214 -26.05 8.97 -12.17
C LYS A 214 -26.09 9.71 -13.50
N SER A 215 -25.10 10.55 -13.80
CA SER A 215 -25.18 11.39 -14.98
C SER A 215 -24.72 10.65 -16.23
N ASP A 216 -25.35 10.98 -17.35
CA ASP A 216 -24.91 10.42 -18.63
C ASP A 216 -23.54 10.93 -19.04
N PHE A 217 -23.08 12.05 -18.44
CA PHE A 217 -21.71 12.49 -18.67
C PHE A 217 -20.70 11.45 -18.22
N VAL A 218 -21.04 10.64 -17.22
CA VAL A 218 -20.13 9.60 -16.76
C VAL A 218 -20.57 8.20 -17.17
N LEU A 219 -21.85 7.99 -17.48
CA LEU A 219 -22.32 6.65 -17.81
C LEU A 219 -22.33 6.36 -19.30
N LYS A 220 -22.35 7.38 -20.15
CA LYS A 220 -22.43 7.17 -21.60
C LYS A 220 -21.28 7.91 -22.28
N SER A 221 -20.88 7.41 -23.44
CA SER A 221 -19.75 8.02 -24.12
C SER A 221 -20.21 9.27 -24.86
N CYS A 222 -19.24 10.04 -25.35
CA CYS A 222 -19.48 11.23 -26.14
C CYS A 222 -19.91 10.92 -27.57
N GLY A 223 -19.90 9.64 -27.98
CA GLY A 223 -20.30 9.26 -29.32
C GLY A 223 -19.17 9.17 -30.32
N CYS A 224 -17.94 9.48 -29.92
CA CYS A 224 -16.80 9.38 -30.84
C CYS A 224 -16.31 7.94 -30.95
N SER A 234 -22.69 4.86 -26.23
CA SER A 234 -22.37 3.52 -25.71
C SER A 234 -22.13 3.56 -24.21
N GLU A 235 -22.43 2.45 -23.55
CA GLU A 235 -22.23 2.33 -22.11
C GLU A 235 -20.75 2.20 -21.79
N LEU A 236 -20.24 3.09 -20.95
CA LEU A 236 -18.83 3.08 -20.61
C LEU A 236 -18.46 1.99 -19.63
N TRP A 237 -19.38 1.62 -18.74
CA TRP A 237 -19.08 0.73 -17.62
C TRP A 237 -19.61 -0.67 -17.87
N LEU A 238 -18.80 -1.67 -17.54
CA LEU A 238 -19.19 -3.06 -17.67
C LEU A 238 -19.12 -3.76 -16.31
N PRO A 239 -20.13 -4.55 -15.93
CA PRO A 239 -20.06 -5.24 -14.64
C PRO A 239 -19.07 -6.39 -14.67
N LYS A 240 -18.53 -6.70 -13.49
CA LYS A 240 -17.54 -7.75 -13.29
C LYS A 240 -17.82 -8.43 -11.96
N ASN A 241 -18.09 -9.73 -11.97
CA ASN A 241 -18.28 -10.44 -10.71
C ASN A 241 -16.94 -10.64 -10.02
N VAL A 242 -16.89 -10.34 -8.72
CA VAL A 242 -15.65 -10.40 -7.96
C VAL A 242 -15.78 -11.29 -6.73
N THR A 243 -16.80 -12.15 -6.70
CA THR A 243 -17.07 -12.94 -5.49
C THR A 243 -15.96 -13.95 -5.22
N GLU A 244 -15.49 -14.65 -6.25
CA GLU A 244 -14.50 -15.70 -6.04
C GLU A 244 -13.11 -15.13 -5.77
N GLU A 245 -12.93 -13.81 -5.87
CA GLU A 245 -11.66 -13.21 -5.47
C GLU A 245 -11.40 -13.37 -3.98
N ASN A 246 -12.46 -13.58 -3.17
CA ASN A 246 -12.36 -13.76 -1.73
C ASN A 246 -11.61 -12.60 -1.06
N LYS A 247 -11.66 -11.42 -1.67
CA LYS A 247 -10.99 -10.24 -1.16
C LYS A 247 -11.94 -9.10 -0.82
N PHE A 248 -13.18 -9.13 -1.30
CA PHE A 248 -14.05 -7.97 -1.25
C PHE A 248 -15.32 -8.28 -0.47
N ASP A 249 -15.86 -7.26 0.19
CA ASP A 249 -17.13 -7.38 0.89
C ASP A 249 -18.30 -6.94 0.03
N PHE A 250 -18.13 -6.91 -1.29
CA PHE A 250 -19.21 -6.60 -2.23
C PHE A 250 -19.13 -7.58 -3.39
N ASN A 251 -20.24 -7.71 -4.11
CA ASN A 251 -20.37 -8.78 -5.11
C ASN A 251 -19.82 -8.40 -6.47
N LYS A 252 -19.83 -7.12 -6.81
CA LYS A 252 -19.71 -6.69 -8.19
C LYS A 252 -18.82 -5.46 -8.26
N ALA A 253 -17.92 -5.44 -9.24
CA ALA A 253 -17.20 -4.23 -9.59
C ALA A 253 -17.65 -3.79 -10.97
N TYR A 254 -17.28 -2.57 -11.34
CA TYR A 254 -17.59 -2.03 -12.64
C TYR A 254 -16.32 -1.51 -13.28
N SER A 255 -16.17 -1.84 -14.56
CA SER A 255 -14.94 -1.62 -15.32
C SER A 255 -15.15 -0.47 -16.30
N LEU A 256 -14.22 0.48 -16.28
CA LEU A 256 -14.10 1.55 -17.25
C LEU A 256 -12.76 1.41 -17.96
N THR A 257 -12.79 1.18 -19.28
CA THR A 257 -11.55 1.09 -20.04
C THR A 257 -11.28 2.31 -20.92
N SER A 258 -12.25 3.20 -21.07
CA SER A 258 -12.07 4.37 -21.91
C SER A 258 -11.36 5.48 -21.12
N ALA A 259 -11.15 6.62 -21.79
CA ALA A 259 -10.48 7.77 -21.21
C ALA A 259 -11.16 9.03 -21.75
N TRP A 260 -10.65 10.20 -21.35
CA TRP A 260 -11.18 11.46 -21.89
C TRP A 260 -11.06 11.45 -23.40
N CYS A 261 -12.14 11.84 -24.07
CA CYS A 261 -12.12 11.95 -25.52
C CYS A 261 -11.16 13.07 -25.93
N PRO A 262 -10.34 12.85 -26.96
CA PRO A 262 -9.41 13.90 -27.39
C PRO A 262 -10.12 15.17 -27.86
N ILE A 263 -11.39 15.08 -28.25
CA ILE A 263 -12.16 16.22 -28.70
C ILE A 263 -13.03 16.80 -27.59
N HIS A 264 -13.73 15.94 -26.85
CA HIS A 264 -14.74 16.36 -25.90
C HIS A 264 -14.32 16.27 -24.45
N GLY A 265 -13.08 15.84 -24.18
CA GLY A 265 -12.70 15.49 -22.81
C GLY A 265 -12.74 16.66 -21.85
N ARG A 266 -12.24 17.82 -22.28
CA ARG A 266 -12.26 18.99 -21.41
C ARG A 266 -13.70 19.38 -21.04
N PHE A 267 -14.57 19.47 -22.05
CA PHE A 267 -15.96 19.84 -21.78
C PHE A 267 -16.63 18.84 -20.84
N TYR A 268 -16.39 17.55 -21.07
CA TYR A 268 -16.95 16.54 -20.19
C TYR A 268 -16.42 16.70 -18.76
N CYS A 269 -15.12 16.90 -18.60
CA CYS A 269 -14.57 17.04 -17.27
C CYS A 269 -15.15 18.27 -16.55
N GLN A 270 -15.30 19.38 -17.28
CA GLN A 270 -15.89 20.57 -16.67
C GLN A 270 -17.29 20.27 -16.14
N ASN A 271 -18.13 19.64 -16.98
CA ASN A 271 -19.49 19.33 -16.54
C ASN A 271 -19.49 18.36 -15.36
N ILE A 272 -18.64 17.33 -15.42
CA ILE A 272 -18.61 16.32 -14.37
C ILE A 272 -18.21 16.92 -13.04
N LEU A 273 -17.18 17.78 -13.04
CA LEU A 273 -16.82 18.47 -11.81
C LEU A 273 -18.01 19.23 -11.26
N ASN A 274 -18.75 19.93 -12.12
CA ASN A 274 -19.92 20.67 -11.61
C ASN A 274 -21.01 19.77 -11.05
N LEU A 275 -21.05 18.49 -11.44
CA LEU A 275 -22.13 17.62 -10.94
C LEU A 275 -22.15 17.47 -9.42
N ASP A 276 -21.03 17.72 -8.72
CA ASP A 276 -21.04 17.63 -7.27
C ASP A 276 -21.75 18.79 -6.60
N ASN A 277 -21.95 19.90 -7.31
CA ASN A 277 -22.51 21.11 -6.73
C ASN A 277 -24.03 21.14 -6.76
N ALA A 278 -24.67 20.00 -7.01
CA ALA A 278 -26.12 19.96 -7.18
C ALA A 278 -26.72 18.77 -6.44
N GLY B 1 -0.09 12.23 -28.56
CA GLY B 1 0.07 12.70 -27.20
C GLY B 1 -1.13 13.46 -26.66
N MET B 2 -0.87 14.51 -25.88
CA MET B 2 -1.92 15.34 -25.32
C MET B 2 -2.51 16.29 -26.35
N LYS B 3 -3.83 16.48 -26.26
CA LYS B 3 -4.50 17.51 -27.01
C LYS B 3 -5.16 18.49 -26.04
N PRO B 4 -5.13 19.79 -26.34
CA PRO B 4 -5.70 20.78 -25.40
C PRO B 4 -7.17 20.52 -25.06
N ASN B 5 -7.97 20.06 -26.03
CA ASN B 5 -9.38 19.82 -25.78
C ASN B 5 -9.64 18.52 -25.02
N GLN B 6 -8.61 17.76 -24.70
CA GLN B 6 -8.76 16.51 -23.98
C GLN B 6 -8.66 16.68 -22.46
N PHE B 7 -8.07 17.78 -21.98
CA PHE B 7 -7.78 17.97 -20.57
C PHE B 7 -8.24 19.35 -20.12
N LEU B 8 -8.48 19.50 -18.82
CA LEU B 8 -8.57 20.82 -18.22
C LEU B 8 -7.28 21.59 -18.46
N ASN B 9 -7.39 22.92 -18.54
CA ASN B 9 -6.21 23.74 -18.76
C ASN B 9 -5.15 23.49 -17.70
N SER B 10 -5.56 23.47 -16.43
CA SER B 10 -4.61 23.27 -15.34
C SER B 10 -3.94 21.91 -15.43
N SER B 11 -4.71 20.86 -15.73
CA SER B 11 -4.14 19.53 -15.87
C SER B 11 -3.13 19.48 -17.01
N PHE B 12 -3.46 20.12 -18.14
CA PHE B 12 -2.56 20.20 -19.27
C PHE B 12 -1.23 20.84 -18.89
N SER B 13 -1.29 21.99 -18.21
CA SER B 13 -0.06 22.68 -17.81
C SER B 13 0.76 21.82 -16.85
N ILE B 14 0.09 21.13 -15.93
CA ILE B 14 0.80 20.29 -14.97
C ILE B 14 1.49 19.12 -15.67
N ILE B 15 0.79 18.50 -16.64
CA ILE B 15 1.39 17.40 -17.37
C ILE B 15 2.63 17.86 -18.14
N ASN B 16 2.56 19.05 -18.75
CA ASN B 16 3.74 19.54 -19.47
C ASN B 16 4.90 19.84 -18.52
N GLU B 17 4.60 20.35 -17.32
CA GLU B 17 5.66 20.54 -16.32
C GLU B 17 6.31 19.21 -15.95
N GLN B 18 5.50 18.16 -15.78
CA GLN B 18 6.07 16.86 -15.43
C GLN B 18 6.88 16.26 -16.57
N ILE B 19 6.44 16.48 -17.82
CA ILE B 19 7.27 16.06 -18.95
C ILE B 19 8.63 16.75 -18.92
N GLU B 20 8.65 18.05 -18.63
CA GLU B 20 9.92 18.77 -18.60
C GLU B 20 10.85 18.20 -17.51
N ILE B 21 10.30 17.99 -16.32
CA ILE B 21 11.09 17.38 -15.24
C ILE B 21 11.62 16.02 -15.68
N TYR B 22 10.76 15.19 -16.29
CA TYR B 22 11.17 13.87 -16.77
C TYR B 22 12.30 13.97 -17.79
N GLU B 23 12.24 14.97 -18.66
CA GLU B 23 13.29 15.15 -19.65
C GLU B 23 14.59 15.64 -19.05
N ARG B 24 14.60 16.12 -17.81
CA ARG B 24 15.90 16.45 -17.21
C ARG B 24 16.76 15.22 -16.90
N GLY B 25 16.18 14.02 -16.90
CA GLY B 25 16.91 12.85 -16.45
C GLY B 25 17.04 12.82 -14.94
N VAL B 26 17.86 11.88 -14.47
CA VAL B 26 18.07 11.69 -13.03
C VAL B 26 19.57 11.60 -12.76
N THR B 27 19.91 11.77 -11.49
CA THR B 27 21.23 11.43 -10.96
C THR B 27 21.04 10.55 -9.74
N THR B 28 22.03 9.71 -9.45
CA THR B 28 21.95 8.82 -8.31
C THR B 28 23.29 8.81 -7.58
N GLN B 29 23.25 8.41 -6.32
CA GLN B 29 24.47 8.21 -5.56
C GLN B 29 24.24 7.07 -4.57
N LYS B 30 25.27 6.24 -4.40
CA LYS B 30 25.13 5.03 -3.58
C LYS B 30 25.34 5.35 -2.11
N VAL B 31 24.46 4.78 -1.28
CA VAL B 31 24.58 4.83 0.18
C VAL B 31 24.28 3.43 0.69
N ASN B 32 25.17 2.89 1.52
CA ASN B 32 25.11 1.46 1.80
C ASN B 32 23.97 1.10 2.74
N GLN B 33 23.55 2.02 3.60
CA GLN B 33 22.49 1.76 4.56
C GLN B 33 21.42 2.83 4.46
N ILE B 34 20.23 2.48 4.95
CA ILE B 34 19.11 3.42 4.94
C ILE B 34 19.55 4.67 5.69
N PRO B 35 19.58 5.83 5.05
CA PRO B 35 20.08 7.03 5.71
C PRO B 35 19.07 7.62 6.68
N LYS B 36 19.60 8.42 7.60
CA LYS B 36 18.74 9.23 8.46
C LYS B 36 17.90 10.16 7.61
N THR B 37 16.67 10.39 8.05
CA THR B 37 15.72 11.17 7.25
C THR B 37 16.26 12.57 6.94
N ASP B 38 16.98 13.17 7.88
CA ASP B 38 17.50 14.51 7.64
C ASP B 38 18.74 14.51 6.74
N ASP B 39 19.34 13.34 6.51
CA ASP B 39 20.41 13.22 5.51
C ASP B 39 19.86 13.07 4.10
N ILE B 40 18.56 12.90 3.93
CA ILE B 40 17.94 12.88 2.62
C ILE B 40 17.52 14.31 2.32
N ARG B 41 18.23 14.95 1.39
CA ARG B 41 18.06 16.38 1.24
C ARG B 41 16.86 16.70 0.37
N ILE B 42 16.22 17.83 0.66
CA ILE B 42 15.19 18.37 -0.21
C ILE B 42 15.87 19.16 -1.32
N GLN B 43 15.51 18.84 -2.56
CA GLN B 43 16.15 19.48 -3.71
C GLN B 43 15.46 20.78 -4.08
N SER B 44 16.22 21.67 -4.71
CA SER B 44 15.60 22.77 -5.41
C SER B 44 14.78 22.22 -6.56
N SER B 45 13.66 22.87 -6.86
CA SER B 45 12.68 22.32 -7.79
C SER B 45 13.15 22.34 -9.24
N ASP B 46 14.26 23.00 -9.55
CA ASP B 46 14.74 23.11 -10.92
C ASP B 46 15.73 22.02 -11.29
N LYS B 47 16.18 21.23 -10.35
CA LYS B 47 17.23 20.27 -10.62
C LYS B 47 16.66 18.94 -11.13
N PRO B 48 17.43 18.21 -11.93
CA PRO B 48 17.04 16.81 -12.21
C PRO B 48 16.91 16.05 -10.91
N TRP B 49 15.91 15.19 -10.84
CA TRP B 49 15.66 14.46 -9.60
C TRP B 49 16.88 13.63 -9.22
N HIS B 50 17.30 13.77 -7.97
CA HIS B 50 18.43 13.03 -7.41
C HIS B 50 17.88 11.97 -6.47
N TRP B 51 18.44 10.75 -6.57
CA TRP B 51 18.03 9.63 -5.74
C TRP B 51 19.23 9.04 -5.01
N LEU B 52 19.00 8.52 -3.80
CA LEU B 52 19.99 7.73 -3.09
C LEU B 52 19.73 6.26 -3.35
N GLU B 53 20.77 5.53 -3.74
CA GLU B 53 20.66 4.12 -4.12
C GLU B 53 21.14 3.26 -2.96
N ILE B 54 20.21 2.52 -2.36
CA ILE B 54 20.48 1.66 -1.20
C ILE B 54 20.53 0.23 -1.71
N PRO B 55 21.67 -0.44 -1.66
CA PRO B 55 21.77 -1.79 -2.24
C PRO B 55 21.09 -2.85 -1.37
N ASP B 56 20.39 -3.76 -2.05
CA ASP B 56 19.90 -4.99 -1.43
C ASP B 56 19.09 -4.71 -0.17
N LEU B 57 18.19 -3.72 -0.26
CA LEU B 57 17.32 -3.37 0.86
C LEU B 57 16.25 -4.44 1.03
N ILE B 58 15.91 -4.75 2.29
CA ILE B 58 14.91 -5.77 2.62
C ILE B 58 13.62 -5.05 2.96
N CYS B 59 12.51 -5.50 2.36
CA CYS B 59 11.19 -4.98 2.72
C CYS B 59 10.32 -6.13 3.18
N VAL B 60 9.78 -6.00 4.39
CA VAL B 60 8.75 -6.87 4.94
C VAL B 60 7.42 -6.14 4.85
N PHE B 61 6.38 -6.84 4.40
CA PHE B 61 5.03 -6.30 4.40
C PHE B 61 4.11 -7.28 5.09
N VAL B 62 3.37 -6.80 6.10
CA VAL B 62 2.41 -7.64 6.84
C VAL B 62 1.04 -7.02 6.68
N ASP B 63 0.03 -7.85 6.46
CA ASP B 63 -1.29 -7.33 6.13
C ASP B 63 -2.36 -8.19 6.79
N MET B 64 -3.45 -7.56 7.22
CA MET B 64 -4.56 -8.33 7.78
C MET B 64 -5.26 -9.13 6.69
N LYS B 65 -5.65 -10.36 7.03
CA LYS B 65 -6.22 -11.30 6.08
C LYS B 65 -7.53 -11.86 6.61
N GLY B 66 -8.59 -11.80 5.81
CA GLY B 66 -9.86 -12.38 6.18
C GLY B 66 -10.75 -11.49 7.01
N SER B 67 -10.66 -10.18 6.86
CA SER B 67 -11.33 -9.24 7.73
C SER B 67 -12.59 -8.62 7.13
N THR B 68 -13.09 -9.15 6.00
CA THR B 68 -14.17 -8.46 5.31
C THR B 68 -15.45 -8.36 6.15
N GLN B 69 -15.66 -9.25 7.13
CA GLN B 69 -16.85 -9.12 7.94
C GLN B 69 -16.66 -8.23 9.17
N LEU B 70 -15.43 -7.84 9.47
CA LEU B 70 -15.22 -6.90 10.55
C LEU B 70 -15.73 -5.52 10.13
N SER B 71 -16.30 -4.78 11.08
CA SER B 71 -17.00 -3.55 10.75
C SER B 71 -16.46 -2.38 11.57
N VAL B 72 -16.48 -1.20 10.97
CA VAL B 72 -16.22 0.04 11.71
C VAL B 72 -17.49 0.78 12.06
N THR B 73 -18.66 0.30 11.61
CA THR B 73 -19.92 1.00 11.86
C THR B 73 -20.88 0.28 12.80
N ARG B 74 -20.83 -1.05 12.87
CA ARG B 74 -21.76 -1.75 13.76
C ARG B 74 -21.36 -1.54 15.22
N GLN B 75 -22.28 -1.90 16.12
CA GLN B 75 -22.13 -1.54 17.54
C GLN B 75 -20.79 -1.99 18.12
N ASP B 76 -20.32 -3.19 17.78
CA ASP B 76 -19.08 -3.66 18.40
C ASP B 76 -17.84 -2.98 17.83
N ARG B 77 -17.93 -2.35 16.66
CA ARG B 77 -16.79 -1.63 16.08
C ARG B 77 -15.54 -2.51 16.02
N THR B 78 -15.74 -3.79 15.69
CA THR B 78 -14.66 -4.77 15.87
C THR B 78 -13.47 -4.48 14.96
N MET B 79 -13.70 -3.89 13.78
CA MET B 79 -12.55 -3.57 12.93
C MET B 79 -11.63 -2.54 13.57
N ALA B 80 -12.19 -1.60 14.35
CA ALA B 80 -11.31 -0.64 15.01
C ALA B 80 -10.39 -1.33 16.01
N SER B 81 -10.96 -2.18 16.86
CA SER B 81 -10.17 -2.93 17.84
C SER B 81 -9.17 -3.84 17.15
N ALA B 82 -9.59 -4.50 16.07
CA ALA B 82 -8.72 -5.39 15.32
C ALA B 82 -7.57 -4.62 14.68
N TYR B 83 -7.86 -3.45 14.12
CA TYR B 83 -6.81 -2.62 13.54
C TYR B 83 -5.75 -2.30 14.58
N GLN B 84 -6.18 -1.87 15.77
CA GLN B 84 -5.19 -1.60 16.81
C GLN B 84 -4.38 -2.84 17.14
N LEU B 85 -5.07 -3.96 17.44
CA LEU B 85 -4.36 -5.16 17.89
C LEU B 85 -3.41 -5.69 16.83
N PHE B 86 -3.74 -5.52 15.55
CA PHE B 86 -2.87 -5.98 14.47
C PHE B 86 -1.79 -4.96 14.15
N THR B 87 -2.18 -3.78 13.68
CA THR B 87 -1.25 -2.79 13.17
C THR B 87 -0.37 -2.20 14.27
N ASN B 88 -0.97 -1.81 15.41
CA ASN B 88 -0.14 -1.21 16.44
C ASN B 88 0.86 -2.20 16.98
N THR B 89 0.46 -3.46 17.16
CA THR B 89 1.41 -4.48 17.59
C THR B 89 2.51 -4.66 16.55
N ALA B 90 2.15 -4.68 15.27
CA ALA B 90 3.18 -4.75 14.23
C ALA B 90 4.18 -3.62 14.39
N ILE B 91 3.68 -2.38 14.54
CA ILE B 91 4.55 -1.21 14.67
C ILE B 91 5.47 -1.38 15.87
N GLN B 92 4.91 -1.72 17.02
CA GLN B 92 5.71 -1.83 18.25
C GLN B 92 6.73 -2.96 18.14
N ILE B 93 6.35 -4.07 17.52
CA ILE B 93 7.27 -5.20 17.40
C ILE B 93 8.42 -4.83 16.47
N PHE B 94 8.11 -4.22 15.33
CA PHE B 94 9.16 -3.83 14.41
C PHE B 94 10.07 -2.78 15.01
N HIS B 95 9.50 -1.85 15.79
CA HIS B 95 10.34 -0.88 16.48
C HIS B 95 11.25 -1.57 17.49
N ASP B 96 10.72 -2.56 18.21
CA ASP B 96 11.53 -3.30 19.18
C ASP B 96 12.69 -4.03 18.51
N PHE B 97 12.53 -4.46 17.27
CA PHE B 97 13.61 -5.05 16.50
C PHE B 97 14.48 -4.01 15.80
N ASP B 98 14.35 -2.73 16.17
CA ASP B 98 15.23 -1.67 15.69
C ASP B 98 15.14 -1.51 14.18
N THR B 99 13.94 -1.69 13.64
CA THR B 99 13.72 -1.52 12.21
C THR B 99 14.09 -0.10 11.76
N PRO B 100 14.93 0.05 10.74
CA PRO B 100 15.32 1.40 10.31
C PRO B 100 14.16 2.26 9.83
N TYR B 101 13.14 1.67 9.21
CA TYR B 101 12.07 2.48 8.65
C TYR B 101 10.77 1.69 8.67
N ILE B 102 9.71 2.28 9.19
CA ILE B 102 8.40 1.65 9.28
C ILE B 102 7.37 2.57 8.65
N ASP B 103 6.40 2.00 7.93
CA ASP B 103 5.31 2.80 7.39
C ASP B 103 4.04 1.97 7.31
N ILE B 104 2.90 2.66 7.32
CA ILE B 104 1.58 2.03 7.37
C ILE B 104 0.87 2.25 6.04
N LYS B 105 0.29 1.18 5.49
CA LYS B 105 -0.44 1.25 4.23
C LYS B 105 -1.71 0.40 4.35
N GLY B 106 -2.87 1.06 4.31
CA GLY B 106 -4.13 0.34 4.48
C GLY B 106 -4.14 -0.50 5.76
N ASP B 107 -4.49 -1.78 5.61
CA ASP B 107 -4.55 -2.74 6.71
C ASP B 107 -3.21 -3.39 7.00
N GLY B 108 -2.11 -2.82 6.46
CA GLY B 108 -0.81 -3.46 6.56
C GLY B 108 0.26 -2.47 6.99
N VAL B 109 1.44 -3.04 7.23
CA VAL B 109 2.60 -2.32 7.73
C VAL B 109 3.80 -2.84 6.95
N PHE B 110 4.65 -1.94 6.47
CA PHE B 110 5.91 -2.42 5.94
C PHE B 110 7.08 -1.88 6.75
N ALA B 111 8.11 -2.71 6.81
CA ALA B 111 9.32 -2.48 7.58
C ALA B 111 10.51 -2.71 6.66
N LEU B 112 11.41 -1.72 6.60
CA LEU B 112 12.57 -1.79 5.74
C LEU B 112 13.80 -2.05 6.60
N PHE B 113 14.67 -2.95 6.12
CA PHE B 113 15.89 -3.33 6.80
C PHE B 113 17.07 -3.18 5.85
N ASN B 114 18.24 -2.98 6.45
CA ASN B 114 19.48 -2.90 5.69
C ASN B 114 19.91 -4.28 5.21
N SER B 115 20.80 -4.28 4.22
CA SER B 115 21.23 -5.53 3.60
C SER B 115 21.97 -6.44 4.57
N ASN B 116 22.49 -5.90 5.67
CA ASN B 116 23.15 -6.74 6.68
C ASN B 116 22.22 -7.12 7.82
N GLN B 117 20.90 -7.06 7.58
CA GLN B 117 19.90 -7.40 8.59
C GLN B 117 18.96 -8.50 8.08
N ILE B 118 19.50 -9.41 7.27
CA ILE B 118 18.71 -10.51 6.69
C ILE B 118 17.96 -11.26 7.79
N TYR B 119 18.70 -11.73 8.78
CA TYR B 119 18.10 -12.60 9.79
C TYR B 119 17.25 -11.81 10.77
N ARG B 120 17.63 -10.57 11.07
CA ARG B 120 16.80 -9.72 11.91
C ARG B 120 15.45 -9.49 11.27
N ALA B 121 15.42 -9.23 9.95
CA ALA B 121 14.16 -9.05 9.26
C ALA B 121 13.30 -10.30 9.38
N LEU B 122 13.90 -11.48 9.18
CA LEU B 122 13.11 -12.70 9.29
C LEU B 122 12.58 -12.89 10.71
N ALA B 123 13.43 -12.65 11.73
CA ALA B 123 13.03 -12.87 13.12
C ALA B 123 11.90 -11.93 13.51
N ALA B 124 11.97 -10.67 13.06
CA ALA B 124 10.88 -9.73 13.35
C ALA B 124 9.58 -10.18 12.70
N THR B 125 9.66 -10.62 11.43
CA THR B 125 8.48 -11.07 10.71
C THR B 125 7.85 -12.28 11.38
N VAL B 126 8.67 -13.27 11.75
CA VAL B 126 8.13 -14.47 12.36
C VAL B 126 7.58 -14.16 13.75
N THR B 127 8.18 -13.21 14.48
CA THR B 127 7.60 -12.81 15.75
C THR B 127 6.19 -12.24 15.57
N PHE B 128 6.03 -11.33 14.61
CA PHE B 128 4.67 -10.81 14.36
C PHE B 128 3.71 -11.92 13.90
N LYS B 129 4.18 -12.81 13.03
CA LYS B 129 3.33 -13.91 12.55
C LYS B 129 2.87 -14.80 13.70
N THR B 130 3.78 -15.11 14.62
CA THR B 130 3.43 -15.93 15.78
C THR B 130 2.44 -15.19 16.68
N PHE B 131 2.67 -13.89 16.90
CA PHE B 131 1.69 -13.10 17.65
C PHE B 131 0.31 -13.19 17.02
N VAL B 132 0.22 -13.02 15.70
CA VAL B 132 -1.08 -13.04 15.03
C VAL B 132 -1.75 -14.39 15.25
N LYS B 133 -1.00 -15.47 15.04
CA LYS B 133 -1.57 -16.80 15.16
C LYS B 133 -2.02 -17.11 16.59
N GLU B 134 -1.20 -16.76 17.58
CA GLU B 134 -1.45 -17.18 18.96
C GLU B 134 -2.33 -16.21 19.74
N VAL B 135 -2.42 -14.95 19.33
CA VAL B 135 -3.10 -13.94 20.14
C VAL B 135 -4.21 -13.26 19.37
N PHE B 136 -3.86 -12.68 18.21
CA PHE B 136 -4.83 -11.89 17.45
C PHE B 136 -6.00 -12.74 16.98
N THR B 137 -5.70 -13.85 16.30
CA THR B 137 -6.77 -14.67 15.73
C THR B 137 -7.71 -15.22 16.81
N PRO B 138 -7.23 -15.83 17.90
CA PRO B 138 -8.18 -16.29 18.93
C PRO B 138 -9.03 -15.19 19.53
N LYS B 139 -8.44 -14.02 19.81
CA LYS B 139 -9.19 -12.95 20.46
C LYS B 139 -10.25 -12.38 19.52
N ILE B 140 -9.91 -12.20 18.26
CA ILE B 140 -10.91 -11.70 17.32
C ILE B 140 -12.01 -12.74 17.11
N LYS B 141 -11.64 -14.02 17.05
CA LYS B 141 -12.67 -15.07 16.93
C LYS B 141 -13.60 -15.06 18.14
N GLN B 142 -13.05 -14.90 19.33
CA GLN B 142 -13.87 -14.80 20.53
C GLN B 142 -14.82 -13.61 20.45
N LYS B 143 -14.29 -12.46 20.03
CA LYS B 143 -15.13 -11.26 20.00
C LYS B 143 -16.25 -11.40 18.99
N THR B 144 -15.96 -11.99 17.84
CA THR B 144 -16.93 -12.08 16.75
C THR B 144 -17.81 -13.32 16.83
N LYS B 145 -17.57 -14.18 17.82
CA LYS B 145 -18.28 -15.45 17.98
C LYS B 145 -18.10 -16.36 16.76
N GLY B 146 -16.89 -16.39 16.22
CA GLY B 146 -16.57 -17.40 15.22
C GLY B 146 -15.75 -17.00 14.01
N ILE B 147 -15.60 -15.71 13.73
CA ILE B 147 -14.92 -15.29 12.50
C ILE B 147 -13.41 -15.45 12.68
N ILE B 148 -12.75 -16.02 11.67
CA ILE B 148 -11.32 -16.30 11.72
C ILE B 148 -10.60 -15.25 10.88
N VAL B 149 -9.90 -14.34 11.55
CA VAL B 149 -9.12 -13.29 10.91
C VAL B 149 -7.66 -13.49 11.32
N GLY B 150 -6.75 -13.26 10.38
CA GLY B 150 -5.32 -13.45 10.64
C GLY B 150 -4.49 -12.48 9.84
N GLY B 151 -3.33 -12.95 9.40
CA GLY B 151 -2.44 -12.12 8.61
C GLY B 151 -1.80 -12.90 7.49
N HIS B 152 -1.23 -12.16 6.56
CA HIS B 152 -0.35 -12.76 5.56
C HIS B 152 0.78 -11.78 5.25
N TYR B 153 1.91 -12.34 4.80
CA TYR B 153 3.20 -11.68 4.92
C TYR B 153 4.05 -11.92 3.70
N GLY B 154 4.82 -10.91 3.32
CA GLY B 154 5.76 -11.03 2.22
C GLY B 154 7.08 -10.37 2.56
N ILE B 155 8.16 -10.89 1.97
CA ILE B 155 9.47 -10.28 2.09
C ILE B 155 10.13 -10.30 0.72
N ASP B 156 10.74 -9.19 0.34
CA ASP B 156 11.61 -9.15 -0.84
C ASP B 156 12.87 -8.40 -0.48
N GLN B 157 13.91 -8.56 -1.30
CA GLN B 157 15.16 -7.85 -1.06
C GLN B 157 15.77 -7.46 -2.40
N LYS B 158 16.00 -6.17 -2.59
CA LYS B 158 16.62 -5.68 -3.81
C LYS B 158 17.00 -4.23 -3.59
N THR B 159 17.94 -3.76 -4.40
CA THR B 159 18.32 -2.35 -4.38
C THR B 159 17.09 -1.46 -4.56
N VAL B 160 17.04 -0.35 -3.81
CA VAL B 160 15.97 0.63 -3.95
C VAL B 160 16.57 2.02 -4.06
N LEU B 161 15.77 2.95 -4.55
CA LEU B 161 16.12 4.35 -4.58
C LEU B 161 15.21 5.10 -3.62
N VAL B 162 15.75 6.13 -2.98
CA VAL B 162 14.95 6.91 -2.04
C VAL B 162 15.23 8.39 -2.27
N ARG B 163 14.17 9.20 -2.14
CA ARG B 163 14.35 10.65 -2.02
C ARG B 163 13.16 11.18 -1.23
N LYS B 164 13.07 12.50 -1.08
CA LYS B 164 11.95 13.09 -0.36
C LYS B 164 11.03 13.86 -1.30
N ILE B 165 9.73 13.72 -1.06
CA ILE B 165 8.70 14.48 -1.76
C ILE B 165 7.85 15.21 -0.72
N GLY B 166 7.50 16.46 -1.02
CA GLY B 166 6.63 17.25 -0.17
C GLY B 166 5.21 17.23 -0.72
N LEU B 167 4.26 16.92 0.16
CA LEU B 167 2.85 16.94 -0.20
C LEU B 167 2.09 18.05 0.54
N ARG B 178 5.28 17.45 6.51
CA ARG B 178 6.43 18.08 5.87
C ARG B 178 6.76 17.11 4.74
N TYR B 179 8.02 16.74 4.57
CA TYR B 179 8.39 15.85 3.49
C TYR B 179 8.37 14.39 3.93
N ASN B 180 8.09 13.49 2.98
CA ASN B 180 8.11 12.06 3.22
C ASN B 180 9.10 11.39 2.27
N GLU B 181 9.77 10.35 2.77
CA GLU B 181 10.55 9.49 1.91
C GLU B 181 9.65 8.82 0.88
N VAL B 182 10.14 8.74 -0.35
CA VAL B 182 9.51 7.94 -1.39
C VAL B 182 10.56 6.97 -1.92
N TRP B 183 10.09 5.77 -2.27
CA TRP B 183 10.94 4.63 -2.57
C TRP B 183 10.59 4.11 -3.95
N ALA B 184 11.59 4.04 -4.83
CA ALA B 184 11.41 3.52 -6.18
C ALA B 184 12.22 2.25 -6.36
N GLY B 185 11.63 1.28 -7.05
CA GLY B 185 12.28 0.01 -7.26
C GLY B 185 11.32 -1.12 -6.99
N LYS B 186 11.87 -2.31 -6.78
CA LYS B 186 11.09 -3.53 -6.72
C LYS B 186 10.59 -3.95 -5.34
N PRO B 187 11.39 -3.84 -4.28
CA PRO B 187 11.12 -4.68 -3.09
C PRO B 187 9.89 -4.31 -2.29
N ILE B 188 9.51 -3.03 -2.23
CA ILE B 188 8.29 -2.67 -1.51
C ILE B 188 7.05 -3.15 -2.25
N ASN B 189 6.99 -2.82 -3.55
CA ASN B 189 5.92 -3.32 -4.40
C ASN B 189 5.85 -4.84 -4.37
N MET B 190 7.00 -5.51 -4.49
CA MET B 190 7.00 -6.97 -4.58
C MET B 190 6.68 -7.62 -3.24
N ALA B 191 7.16 -7.04 -2.13
CA ALA B 191 6.82 -7.60 -0.82
C ALA B 191 5.31 -7.50 -0.59
N ALA B 192 4.70 -6.38 -1.00
CA ALA B 192 3.26 -6.26 -0.85
C ALA B 192 2.52 -7.26 -1.73
N LYS B 193 2.99 -7.46 -2.97
CA LYS B 193 2.33 -8.45 -3.85
C LYS B 193 2.47 -9.87 -3.32
N LEU B 194 3.64 -10.20 -2.75
CA LEU B 194 3.83 -11.51 -2.14
C LEU B 194 2.88 -11.69 -0.96
N ALA B 195 2.75 -10.67 -0.11
CA ALA B 195 1.80 -10.78 0.99
C ALA B 195 0.38 -10.99 0.48
N SER B 196 -0.02 -10.23 -0.53
CA SER B 196 -1.36 -10.39 -1.10
C SER B 196 -1.58 -11.80 -1.64
N LEU B 197 -0.53 -12.42 -2.18
CA LEU B 197 -0.65 -13.78 -2.70
C LEU B 197 -0.71 -14.82 -1.58
N ALA B 198 -0.20 -14.50 -0.40
CA ALA B 198 -0.07 -15.49 0.66
C ALA B 198 -1.41 -15.85 1.28
N ASN B 199 -1.54 -17.11 1.66
CA ASN B 199 -2.69 -17.57 2.43
C ASN B 199 -2.62 -17.02 3.86
N ILE B 200 -3.71 -17.22 4.61
CA ILE B 200 -3.71 -16.84 6.02
C ILE B 200 -2.62 -17.61 6.74
N ASP B 201 -1.92 -16.94 7.66
CA ASP B 201 -0.81 -17.51 8.43
C ASP B 201 0.27 -18.08 7.52
N GLU B 202 0.53 -17.42 6.40
CA GLU B 202 1.60 -17.81 5.47
C GLU B 202 2.48 -16.63 5.16
N LEU B 203 3.80 -16.85 5.23
CA LEU B 203 4.79 -15.89 4.76
C LEU B 203 5.34 -16.36 3.43
N LEU B 204 5.33 -15.49 2.43
CA LEU B 204 5.98 -15.75 1.15
C LEU B 204 7.17 -14.82 1.00
N VAL B 205 8.32 -15.36 0.62
CA VAL B 205 9.50 -14.53 0.37
C VAL B 205 9.98 -14.78 -1.05
N SER B 206 10.62 -13.78 -1.63
CA SER B 206 11.19 -13.95 -2.97
C SER B 206 12.35 -14.95 -2.92
N ASP B 207 12.65 -15.52 -4.08
CA ASP B 207 13.79 -16.45 -4.15
C ASP B 207 15.10 -15.74 -3.82
N ARG B 208 15.25 -14.48 -4.24
CA ARG B 208 16.50 -13.78 -3.97
C ARG B 208 16.68 -13.49 -2.49
N TYR B 209 15.59 -13.25 -1.74
CA TYR B 209 15.74 -13.16 -0.29
C TYR B 209 16.02 -14.53 0.33
N PHE B 210 15.25 -15.54 -0.08
CA PHE B 210 15.44 -16.88 0.45
C PHE B 210 16.86 -17.39 0.27
N ASN B 211 17.47 -17.06 -0.87
CA ASN B 211 18.81 -17.52 -1.17
C ASN B 211 19.86 -16.91 -0.25
N ASN B 212 19.50 -15.90 0.53
CA ASN B 212 20.40 -15.35 1.54
C ASN B 212 20.21 -15.99 2.91
N LEU B 213 19.27 -16.92 3.03
CA LEU B 213 19.03 -17.63 4.28
C LEU B 213 19.86 -18.91 4.26
N LYS B 214 20.87 -18.99 5.13
CA LYS B 214 21.78 -20.13 5.09
C LYS B 214 21.79 -20.99 6.35
N SER B 215 21.36 -20.47 7.50
CA SER B 215 21.48 -21.22 8.74
C SER B 215 20.31 -22.19 8.89
N ASP B 216 20.60 -23.36 9.49
CA ASP B 216 19.52 -24.29 9.79
C ASP B 216 18.57 -23.77 10.85
N PHE B 217 18.98 -22.76 11.62
CA PHE B 217 18.04 -22.10 12.54
C PHE B 217 16.84 -21.52 11.81
N VAL B 218 17.00 -21.16 10.54
CA VAL B 218 15.88 -20.66 9.76
C VAL B 218 15.38 -21.66 8.72
N LEU B 219 16.21 -22.62 8.30
CA LEU B 219 15.80 -23.56 7.27
C LEU B 219 15.21 -24.84 7.83
N LYS B 220 15.50 -25.20 9.08
CA LYS B 220 15.00 -26.43 9.66
C LYS B 220 14.31 -26.15 10.99
N SER B 221 13.36 -27.02 11.33
CA SER B 221 12.55 -26.86 12.53
C SER B 221 13.28 -27.40 13.76
N CYS B 222 12.72 -27.10 14.93
CA CYS B 222 13.20 -27.63 16.19
C CYS B 222 12.81 -29.09 16.41
N GLY B 223 12.03 -29.66 15.50
CA GLY B 223 11.64 -31.06 15.62
C GLY B 223 10.34 -31.32 16.36
N CYS B 224 9.69 -30.28 16.88
CA CYS B 224 8.42 -30.43 17.59
C CYS B 224 7.26 -30.61 16.63
N SER B 234 12.61 -31.16 9.80
CA SER B 234 11.83 -30.92 8.60
C SER B 234 12.15 -29.56 7.98
N GLU B 235 12.03 -29.48 6.66
CA GLU B 235 12.29 -28.24 5.95
C GLU B 235 11.14 -27.26 6.16
N LEU B 236 11.48 -26.06 6.63
CA LEU B 236 10.44 -25.07 6.91
C LEU B 236 9.90 -24.42 5.64
N TRP B 237 10.72 -24.28 4.61
CA TRP B 237 10.36 -23.51 3.43
C TRP B 237 10.00 -24.42 2.27
N LEU B 238 8.94 -24.07 1.55
CA LEU B 238 8.50 -24.82 0.37
C LEU B 238 8.51 -23.92 -0.85
N PRO B 239 9.04 -24.36 -1.99
CA PRO B 239 9.03 -23.49 -3.17
C PRO B 239 7.65 -23.37 -3.80
N LYS B 240 7.43 -22.23 -4.45
CA LYS B 240 6.16 -21.93 -5.12
C LYS B 240 6.49 -21.15 -6.39
N ASN B 241 6.07 -21.68 -7.54
CA ASN B 241 6.29 -20.96 -8.79
C ASN B 241 5.30 -19.81 -8.92
N VAL B 242 5.79 -18.63 -9.30
CA VAL B 242 4.98 -17.42 -9.36
C VAL B 242 5.03 -16.78 -10.74
N THR B 243 5.44 -17.54 -11.76
CA THR B 243 5.64 -16.95 -13.09
C THR B 243 4.33 -16.46 -13.70
N GLU B 244 3.25 -17.25 -13.61
CA GLU B 244 2.01 -16.89 -14.26
C GLU B 244 1.23 -15.79 -13.53
N GLU B 245 1.70 -15.37 -12.35
CA GLU B 245 1.09 -14.22 -11.69
C GLU B 245 1.30 -12.92 -12.49
N ASN B 246 2.31 -12.88 -13.37
CA ASN B 246 2.62 -11.71 -14.20
C ASN B 246 2.84 -10.45 -13.38
N LYS B 247 3.24 -10.61 -12.12
CA LYS B 247 3.44 -9.48 -11.22
C LYS B 247 4.86 -9.34 -10.70
N PHE B 248 5.68 -10.38 -10.84
CA PHE B 248 6.97 -10.44 -10.17
C PHE B 248 8.09 -10.52 -11.20
N ASP B 249 9.24 -9.96 -10.84
CA ASP B 249 10.43 -10.05 -11.67
C ASP B 249 11.34 -11.21 -11.25
N PHE B 250 10.80 -12.19 -10.55
CA PHE B 250 11.55 -13.39 -10.17
C PHE B 250 10.66 -14.60 -10.38
N ASN B 251 11.27 -15.78 -10.47
CA ASN B 251 10.56 -16.98 -10.89
C ASN B 251 9.86 -17.71 -9.74
N LYS B 252 10.39 -17.60 -8.54
CA LYS B 252 10.08 -18.52 -7.47
C LYS B 252 9.97 -17.75 -6.17
N ALA B 253 8.95 -18.08 -5.38
CA ALA B 253 8.85 -17.65 -3.99
C ALA B 253 9.00 -18.86 -3.09
N TYR B 254 9.17 -18.61 -1.80
CA TYR B 254 9.28 -19.67 -0.81
C TYR B 254 8.30 -19.40 0.31
N SER B 255 7.62 -20.45 0.73
CA SER B 255 6.49 -20.40 1.66
C SER B 255 6.92 -20.94 3.01
N LEU B 256 6.65 -20.16 4.06
CA LEU B 256 6.80 -20.56 5.45
C LEU B 256 5.43 -20.50 6.11
N THR B 257 4.94 -21.64 6.58
CA THR B 257 3.66 -21.69 7.27
C THR B 257 3.77 -21.89 8.77
N SER B 258 4.97 -22.17 9.28
CA SER B 258 5.17 -22.43 10.69
C SER B 258 5.29 -21.10 11.46
N ALA B 259 5.50 -21.22 12.77
CA ALA B 259 5.69 -20.08 13.66
C ALA B 259 6.71 -20.48 14.72
N TRP B 260 7.00 -19.55 15.64
CA TRP B 260 7.91 -19.86 16.73
C TRP B 260 7.35 -21.04 17.54
N CYS B 261 8.22 -22.00 17.85
CA CYS B 261 7.80 -23.13 18.67
C CYS B 261 7.42 -22.63 20.05
N PRO B 262 6.34 -23.13 20.64
CA PRO B 262 5.95 -22.70 21.99
C PRO B 262 7.01 -23.00 23.04
N ILE B 263 7.88 -23.97 22.80
CA ILE B 263 8.93 -24.35 23.72
C ILE B 263 10.25 -23.72 23.35
N HIS B 264 10.61 -23.77 22.05
CA HIS B 264 11.94 -23.39 21.61
C HIS B 264 11.99 -22.03 20.92
N GLY B 265 10.87 -21.32 20.82
CA GLY B 265 10.82 -20.13 19.98
C GLY B 265 11.75 -19.03 20.41
N ARG B 266 11.83 -18.75 21.71
CA ARG B 266 12.76 -17.72 22.19
C ARG B 266 14.19 -18.07 21.84
N PHE B 267 14.59 -19.31 22.09
CA PHE B 267 15.95 -19.75 21.80
C PHE B 267 16.27 -19.60 20.31
N TYR B 268 15.32 -20.02 19.47
CA TYR B 268 15.53 -19.88 18.03
C TYR B 268 15.65 -18.42 17.61
N CYS B 269 14.75 -17.58 18.11
CA CYS B 269 14.78 -16.16 17.72
C CYS B 269 16.08 -15.51 18.16
N GLN B 270 16.55 -15.82 19.37
CA GLN B 270 17.81 -15.27 19.85
C GLN B 270 18.96 -15.65 18.94
N ASN B 271 19.06 -16.95 18.60
CA ASN B 271 20.15 -17.39 17.72
C ASN B 271 20.06 -16.75 16.34
N ILE B 272 18.85 -16.66 15.81
CA ILE B 272 18.66 -16.08 14.48
C ILE B 272 19.10 -14.63 14.48
N LEU B 273 18.73 -13.87 15.51
CA LEU B 273 19.22 -12.49 15.63
C LEU B 273 20.74 -12.47 15.65
N ASN B 274 21.38 -13.39 16.38
CA ASN B 274 22.83 -13.40 16.44
C ASN B 274 23.47 -13.68 15.08
N LEU B 275 22.74 -14.31 14.16
CA LEU B 275 23.32 -14.65 12.85
C LEU B 275 23.75 -13.44 12.02
N ASP B 276 23.18 -12.24 12.26
CA ASP B 276 23.60 -11.08 11.49
C ASP B 276 24.96 -10.54 11.92
N ASN B 277 25.44 -10.89 13.11
CA ASN B 277 26.68 -10.35 13.65
C ASN B 277 27.90 -11.15 13.23
N ALA B 278 27.78 -12.00 12.21
CA ALA B 278 28.86 -12.89 11.80
C ALA B 278 29.01 -12.91 10.29
#